data_7KGR
#
_entry.id   7KGR
#
_cell.length_a   53.329
_cell.length_b   80.535
_cell.length_c   57.065
_cell.angle_alpha   90.000
_cell.angle_beta   113.470
_cell.angle_gamma   90.000
#
_symmetry.space_group_name_H-M   'P 1 21 1'
#
loop_
_entity.id
_entity.type
_entity.pdbx_description
1 polymer 'MHC class I antigen'
2 polymer Beta-2-microglobulin
3 polymer Nucleoprotein
4 water water
#
loop_
_entity_poly.entity_id
_entity_poly.type
_entity_poly.pdbx_seq_one_letter_code
_entity_poly.pdbx_strand_id
1 'polypeptide(L)'
;GSHSMRYFFTSVSRPGRGEPRFIAVGYVDDTQFVRFDSDAASQRMEPRAPWIEQEGPEYWDGETRKVKAHSQTHRVDLGT
LRGYYNQSEAGSHTVQRMYGCDVGSDWRFLRGYHQYAYDGKDYIALKEDLRSWTAADMAAQTTKHKWEAAHVAEQLRAYL
EGTCVEWLRRYLENGKETLQRTDAPKTHMTHHAVSDHEATLRCWALSFYPAEITLTWQRDGEDQTQDTELVETRPAGDGT
FQKWVAVVVPSGQEQRYTCHVQHEGLPKPLTLRWEPSS
;
A
2 'polypeptide(L)'
;IQRTPKIQVYSRHPAENGKSNFLNCYVSGFHPSDIEVDLLKNGERIEKVEHSDLSFSKDWSFYLLYYTEFTPTEKDEYAC
RVNHVTLSQPKIVKWDRDM
;
B
3 'polypeptide(L)' LQLPQGTTL C
#
# COMPACT_ATOMS: atom_id res chain seq x y z
N GLY A 1 0.84 -21.08 -1.48
CA GLY A 1 1.92 -20.17 -1.78
C GLY A 1 2.45 -19.48 -0.53
N SER A 2 3.33 -18.52 -0.73
CA SER A 2 3.96 -17.74 0.33
C SER A 2 2.97 -16.80 1.08
N HIS A 3 3.27 -16.48 2.34
CA HIS A 3 2.42 -15.59 3.15
C HIS A 3 3.30 -14.67 3.99
N SER A 4 2.71 -13.57 4.43
CA SER A 4 3.43 -12.60 5.24
C SER A 4 2.52 -11.91 6.23
N MET A 5 3.13 -11.39 7.29
CA MET A 5 2.47 -10.51 8.25
C MET A 5 3.38 -9.30 8.34
N ARG A 6 2.79 -8.13 8.25
CA ARG A 6 3.57 -6.88 8.30
C ARG A 6 2.83 -5.81 9.07
N TYR A 7 3.59 -5.05 9.84
CA TYR A 7 3.05 -3.90 10.53
C TYR A 7 3.78 -2.67 10.01
N PHE A 8 3.04 -1.60 9.80
CA PHE A 8 3.57 -0.31 9.29
C PHE A 8 3.18 0.79 10.27
N PHE A 9 4.10 1.72 10.55
CA PHE A 9 3.84 2.75 11.54
C PHE A 9 4.39 4.07 11.01
N THR A 10 3.60 5.14 11.06
CA THR A 10 4.05 6.45 10.61
C THR A 10 3.72 7.45 11.70
N SER A 11 4.72 8.27 12.09
CA SER A 11 4.48 9.40 13.00
C SER A 11 4.94 10.67 12.29
N VAL A 12 4.16 11.74 12.40
CA VAL A 12 4.47 13.03 11.78
C VAL A 12 4.43 14.06 12.89
N SER A 13 5.56 14.72 13.15
CA SER A 13 5.59 15.70 14.23
C SER A 13 4.71 16.93 13.96
N ARG A 14 4.19 17.54 15.05
CA ARG A 14 3.32 18.72 15.04
C ARG A 14 4.03 19.74 15.93
N PRO A 15 4.98 20.51 15.35
N PRO A 15 4.98 20.51 15.35
CA PRO A 15 5.79 21.43 16.17
CA PRO A 15 5.79 21.43 16.17
C PRO A 15 5.04 22.50 16.96
C PRO A 15 5.04 22.50 16.96
N GLY A 16 3.95 23.03 16.40
CA GLY A 16 3.14 24.06 17.06
C GLY A 16 2.48 23.69 18.37
N ARG A 17 1.93 22.47 18.43
CA ARG A 17 1.22 22.00 19.62
C ARG A 17 1.02 20.49 19.62
N GLY A 18 1.32 19.90 20.76
CA GLY A 18 1.01 18.51 21.03
C GLY A 18 1.93 17.47 20.43
N GLU A 19 1.44 16.25 20.52
CA GLU A 19 2.15 15.05 20.08
CA GLU A 19 2.14 15.04 20.09
C GLU A 19 1.99 14.78 18.59
N PRO A 20 2.85 13.91 18.00
CA PRO A 20 2.73 13.63 16.57
C PRO A 20 1.43 12.93 16.19
N ARG A 21 1.06 13.03 14.90
CA ARG A 21 -0.02 12.25 14.31
C ARG A 21 0.60 10.86 14.10
N PHE A 22 0.01 9.82 14.68
CA PHE A 22 0.56 8.47 14.59
C PHE A 22 -0.49 7.53 13.99
N ILE A 23 -0.10 6.77 12.96
CA ILE A 23 -1.02 5.81 12.32
C ILE A 23 -0.29 4.49 12.22
N ALA A 24 -0.91 3.44 12.69
CA ALA A 24 -0.35 2.09 12.61
C ALA A 24 -1.34 1.17 11.92
N VAL A 25 -0.82 0.32 11.06
CA VAL A 25 -1.68 -0.66 10.37
C VAL A 25 -1.01 -2.01 10.34
N GLY A 26 -1.80 -3.09 10.45
CA GLY A 26 -1.25 -4.43 10.33
C GLY A 26 -1.90 -5.18 9.18
N TYR A 27 -1.09 -5.97 8.46
CA TYR A 27 -1.54 -6.77 7.32
C TYR A 27 -1.16 -8.20 7.43
N VAL A 28 -2.04 -9.07 6.87
CA VAL A 28 -1.71 -10.45 6.58
C VAL A 28 -1.81 -10.46 5.07
N ASP A 29 -0.70 -10.76 4.37
CA ASP A 29 -0.65 -10.70 2.92
C ASP A 29 -1.12 -9.31 2.49
N ASP A 30 -2.15 -9.23 1.62
CA ASP A 30 -2.64 -7.93 1.19
C ASP A 30 -3.95 -7.53 1.85
N THR A 31 -4.20 -8.07 3.06
CA THR A 31 -5.43 -7.80 3.80
C THR A 31 -5.09 -7.08 5.08
N GLN A 32 -5.59 -5.84 5.22
CA GLN A 32 -5.41 -5.10 6.47
CA GLN A 32 -5.42 -5.09 6.46
C GLN A 32 -6.29 -5.76 7.51
N PHE A 33 -5.78 -5.96 8.71
CA PHE A 33 -6.59 -6.60 9.74
C PHE A 33 -6.70 -5.77 11.02
N VAL A 34 -5.75 -4.82 11.27
CA VAL A 34 -5.82 -3.96 12.47
C VAL A 34 -5.37 -2.53 12.11
N ARG A 35 -5.80 -1.57 12.91
CA ARG A 35 -5.34 -0.19 12.74
C ARG A 35 -5.38 0.54 14.06
N PHE A 36 -4.60 1.60 14.15
CA PHE A 36 -4.62 2.55 15.27
C PHE A 36 -4.40 3.91 14.65
N ASP A 37 -5.22 4.87 15.00
CA ASP A 37 -5.02 6.23 14.54
C ASP A 37 -5.08 7.12 15.77
N SER A 38 -4.02 7.88 16.03
CA SER A 38 -4.00 8.78 17.19
C SER A 38 -5.12 9.86 17.17
N ASP A 39 -5.64 10.23 15.98
CA ASP A 39 -6.71 11.26 15.82
C ASP A 39 -8.13 10.67 16.05
N ALA A 40 -8.25 9.33 16.10
CA ALA A 40 -9.52 8.63 16.30
C ALA A 40 -9.92 8.67 17.78
N ALA A 41 -11.22 8.66 18.03
CA ALA A 41 -11.82 8.75 19.36
C ALA A 41 -11.57 7.54 20.27
N SER A 42 -11.51 6.33 19.73
CA SER A 42 -11.38 5.09 20.52
C SER A 42 -10.10 4.95 21.35
N GLN A 43 -8.96 5.41 20.80
CA GLN A 43 -7.66 5.22 21.44
C GLN A 43 -7.38 3.71 21.71
N ARG A 44 -7.89 2.84 20.80
CA ARG A 44 -7.66 1.41 20.90
C ARG A 44 -7.18 0.88 19.56
N MET A 45 -6.48 -0.24 19.58
CA MET A 45 -6.21 -0.97 18.34
C MET A 45 -7.61 -1.47 17.91
N GLU A 46 -7.96 -1.30 16.62
CA GLU A 46 -9.30 -1.63 16.10
C GLU A 46 -9.20 -2.72 15.04
N PRO A 47 -10.20 -3.62 15.01
CA PRO A 47 -10.21 -4.66 13.97
C PRO A 47 -10.60 -4.11 12.60
N ARG A 48 -10.03 -4.72 11.55
CA ARG A 48 -10.33 -4.33 10.18
C ARG A 48 -10.67 -5.54 9.29
N ALA A 49 -10.64 -6.75 9.84
CA ALA A 49 -11.01 -7.99 9.15
C ALA A 49 -11.87 -8.87 10.08
N PRO A 50 -12.89 -9.58 9.54
CA PRO A 50 -13.78 -10.37 10.43
C PRO A 50 -13.09 -11.45 11.27
N TRP A 51 -12.11 -12.15 10.72
CA TRP A 51 -11.38 -13.23 11.40
C TRP A 51 -10.55 -12.78 12.62
N ILE A 52 -10.19 -11.48 12.72
CA ILE A 52 -9.45 -11.05 13.91
C ILE A 52 -10.44 -10.76 15.08
N GLU A 53 -11.73 -10.57 14.77
CA GLU A 53 -12.77 -10.31 15.80
C GLU A 53 -13.01 -11.53 16.72
N GLN A 54 -12.46 -12.69 16.33
CA GLN A 54 -12.45 -13.95 17.11
C GLN A 54 -11.55 -13.79 18.36
N GLU A 55 -10.59 -12.81 18.33
CA GLU A 55 -9.68 -12.54 19.45
C GLU A 55 -10.43 -11.84 20.58
N GLY A 56 -10.10 -12.23 21.81
CA GLY A 56 -10.76 -11.74 23.01
C GLY A 56 -10.37 -10.34 23.47
N PRO A 57 -11.06 -9.79 24.52
CA PRO A 57 -10.70 -8.45 25.02
C PRO A 57 -9.25 -8.33 25.49
N GLU A 58 -8.62 -9.47 25.88
CA GLU A 58 -7.23 -9.53 26.30
C GLU A 58 -6.31 -9.17 25.14
N TYR A 59 -6.66 -9.67 23.94
CA TYR A 59 -5.85 -9.39 22.76
C TYR A 59 -5.88 -7.90 22.50
N TRP A 60 -7.09 -7.31 22.52
CA TRP A 60 -7.30 -5.89 22.26
C TRP A 60 -6.63 -5.02 23.29
N ASP A 61 -6.57 -5.45 24.57
CA ASP A 61 -5.83 -4.71 25.59
C ASP A 61 -4.31 -4.72 25.34
N GLY A 62 -3.75 -5.90 25.05
CA GLY A 62 -2.33 -6.11 24.82
C GLY A 62 -1.85 -5.37 23.58
N GLU A 63 -2.66 -5.44 22.51
CA GLU A 63 -2.32 -4.76 21.23
C GLU A 63 -2.44 -3.25 21.34
N THR A 64 -3.44 -2.73 22.10
CA THR A 64 -3.58 -1.31 22.35
C THR A 64 -2.38 -0.82 23.18
N ARG A 65 -2.03 -1.55 24.26
CA ARG A 65 -0.87 -1.19 25.11
C ARG A 65 0.44 -1.10 24.27
N LYS A 66 0.69 -2.10 23.41
CA LYS A 66 1.90 -2.11 22.58
C LYS A 66 1.91 -0.97 21.57
N VAL A 67 0.76 -0.73 20.91
CA VAL A 67 0.71 0.27 19.86
C VAL A 67 0.84 1.69 20.45
N LYS A 68 0.23 1.95 21.64
CA LYS A 68 0.41 3.26 22.29
C LYS A 68 1.87 3.45 22.72
N ALA A 69 2.53 2.36 23.17
CA ALA A 69 3.95 2.43 23.55
C ALA A 69 4.78 2.74 22.32
N HIS A 70 4.37 2.17 21.17
CA HIS A 70 5.07 2.42 19.90
C HIS A 70 4.96 3.90 19.50
N SER A 71 3.77 4.51 19.70
CA SER A 71 3.56 5.94 19.39
CA SER A 71 3.58 5.94 19.38
C SER A 71 4.54 6.77 20.23
N GLN A 72 4.74 6.38 21.53
CA GLN A 72 5.67 7.12 22.40
C GLN A 72 7.11 6.96 21.92
N THR A 73 7.51 5.73 21.50
CA THR A 73 8.86 5.49 20.99
CA THR A 73 8.89 5.56 21.02
C THR A 73 9.12 6.44 19.81
N HIS A 74 8.14 6.54 18.87
CA HIS A 74 8.27 7.42 17.70
C HIS A 74 8.35 8.90 18.15
N ARG A 75 7.57 9.28 19.18
CA ARG A 75 7.62 10.65 19.65
C ARG A 75 9.03 10.97 20.16
N VAL A 76 9.62 10.09 20.98
CA VAL A 76 10.98 10.28 21.53
C VAL A 76 11.96 10.30 20.33
N ASP A 77 11.79 9.37 19.37
CA ASP A 77 12.66 9.29 18.19
C ASP A 77 12.70 10.58 17.39
N LEU A 78 11.53 11.21 17.16
CA LEU A 78 11.45 12.45 16.40
C LEU A 78 12.30 13.55 17.07
N GLY A 79 12.31 13.56 18.39
CA GLY A 79 13.10 14.49 19.20
C GLY A 79 14.59 14.20 19.11
N THR A 80 14.96 12.91 19.28
CA THR A 80 16.36 12.45 19.19
C THR A 80 16.94 12.77 17.80
N LEU A 81 16.17 12.48 16.72
CA LEU A 81 16.60 12.73 15.35
C LEU A 81 16.76 14.18 15.00
N ARG A 82 15.90 15.03 15.56
CA ARG A 82 16.00 16.46 15.39
C ARG A 82 17.38 16.90 15.94
N GLY A 83 17.79 16.31 17.06
CA GLY A 83 19.08 16.57 17.72
C GLY A 83 20.24 16.03 16.89
N TYR A 84 20.16 14.75 16.47
CA TYR A 84 21.23 14.14 15.65
C TYR A 84 21.48 14.89 14.37
N TYR A 85 20.42 15.43 13.74
CA TYR A 85 20.49 16.14 12.48
C TYR A 85 20.55 17.67 12.58
N ASN A 86 20.73 18.20 13.81
CA ASN A 86 20.82 19.64 14.08
C ASN A 86 19.67 20.42 13.43
N GLN A 87 18.44 19.91 13.58
CA GLN A 87 17.31 20.57 12.97
C GLN A 87 16.57 21.44 13.98
N SER A 88 15.85 22.45 13.48
CA SER A 88 15.12 23.36 14.37
C SER A 88 13.85 22.70 14.90
N GLU A 89 13.32 23.22 16.02
CA GLU A 89 12.10 22.72 16.63
C GLU A 89 10.85 23.11 15.81
N ALA A 90 11.01 23.93 14.75
CA ALA A 90 9.93 24.54 13.95
C ALA A 90 9.34 23.74 12.78
N GLY A 91 10.07 22.78 12.22
CA GLY A 91 9.56 22.02 11.08
C GLY A 91 8.91 20.69 11.46
N SER A 92 8.03 20.19 10.58
CA SER A 92 7.38 18.87 10.74
C SER A 92 8.32 17.82 10.09
N HIS A 93 8.52 16.69 10.77
CA HIS A 93 9.32 15.60 10.28
C HIS A 93 8.55 14.31 10.42
N THR A 94 9.01 13.28 9.73
CA THR A 94 8.31 11.98 9.70
C THR A 94 9.25 10.87 10.06
N VAL A 95 8.75 9.93 10.87
CA VAL A 95 9.43 8.67 11.15
C VAL A 95 8.51 7.52 10.68
N GLN A 96 9.07 6.53 10.01
CA GLN A 96 8.34 5.37 9.55
C GLN A 96 9.07 4.10 9.97
N ARG A 97 8.31 3.09 10.40
N ARG A 97 8.30 3.08 10.34
CA ARG A 97 8.92 1.79 10.76
CA ARG A 97 8.88 1.78 10.70
C ARG A 97 8.05 0.69 10.18
C ARG A 97 8.04 0.71 10.05
N MET A 98 8.67 -0.37 9.65
CA MET A 98 7.94 -1.53 9.13
C MET A 98 8.65 -2.75 9.67
N TYR A 99 7.87 -3.73 10.19
CA TYR A 99 8.46 -5.01 10.57
C TYR A 99 7.51 -6.13 10.28
N GLY A 100 8.07 -7.31 10.17
CA GLY A 100 7.22 -8.47 9.93
C GLY A 100 7.99 -9.68 9.46
N CYS A 101 7.24 -10.71 9.08
CA CYS A 101 7.83 -11.97 8.64
C CYS A 101 7.20 -12.50 7.37
N ASP A 102 7.97 -13.27 6.61
CA ASP A 102 7.54 -13.98 5.40
C ASP A 102 7.68 -15.48 5.70
N VAL A 103 6.71 -16.26 5.22
CA VAL A 103 6.73 -17.73 5.32
C VAL A 103 6.48 -18.30 3.93
N GLY A 104 7.01 -19.50 3.65
CA GLY A 104 6.77 -20.09 2.35
C GLY A 104 5.49 -20.90 2.32
N SER A 105 5.32 -21.73 1.27
CA SER A 105 4.11 -22.57 1.14
C SER A 105 3.92 -23.55 2.31
N ASP A 106 5.02 -23.95 2.96
CA ASP A 106 4.96 -24.84 4.13
C ASP A 106 4.66 -24.07 5.41
N TRP A 107 4.52 -22.72 5.30
CA TRP A 107 4.28 -21.83 6.42
C TRP A 107 5.48 -21.75 7.38
N ARG A 108 6.65 -22.20 6.92
CA ARG A 108 7.84 -22.10 7.76
C ARG A 108 8.51 -20.76 7.46
N PHE A 109 9.19 -20.22 8.47
CA PHE A 109 9.96 -19.00 8.37
C PHE A 109 10.86 -18.95 7.15
N LEU A 110 10.75 -17.84 6.40
CA LEU A 110 11.56 -17.57 5.22
C LEU A 110 12.47 -16.37 5.46
N ARG A 111 11.90 -15.21 5.86
CA ARG A 111 12.63 -13.96 6.05
C ARG A 111 11.91 -13.10 7.08
N GLY A 112 12.70 -12.27 7.77
CA GLY A 112 12.21 -11.33 8.78
C GLY A 112 12.71 -9.95 8.43
N TYR A 113 11.95 -8.90 8.83
CA TYR A 113 12.31 -7.50 8.52
C TYR A 113 12.07 -6.61 9.70
N HIS A 114 12.88 -5.57 9.85
CA HIS A 114 12.66 -4.55 10.86
C HIS A 114 13.44 -3.33 10.37
N GLN A 115 12.74 -2.32 9.83
CA GLN A 115 13.48 -1.20 9.26
C GLN A 115 12.84 0.12 9.56
N TYR A 116 13.66 1.17 9.52
CA TYR A 116 13.26 2.51 9.89
CA TYR A 116 13.30 2.51 9.91
C TYR A 116 13.72 3.54 8.86
N ALA A 117 12.89 4.58 8.68
CA ALA A 117 13.18 5.72 7.80
C ALA A 117 12.90 7.01 8.54
N TYR A 118 13.69 8.06 8.21
CA TYR A 118 13.48 9.40 8.73
C TYR A 118 13.34 10.31 7.53
N ASP A 119 12.23 11.08 7.49
CA ASP A 119 11.90 11.94 6.37
C ASP A 119 11.97 11.21 5.01
N GLY A 120 11.51 9.96 5.00
CA GLY A 120 11.41 9.18 3.77
C GLY A 120 12.69 8.52 3.28
N LYS A 121 13.78 8.67 4.04
CA LYS A 121 15.07 8.05 3.67
C LYS A 121 15.45 6.96 4.67
N ASP A 122 16.13 5.94 4.16
CA ASP A 122 16.61 4.85 5.02
C ASP A 122 17.39 5.41 6.18
N TYR A 123 17.14 4.86 7.35
CA TYR A 123 17.85 5.26 8.54
C TYR A 123 18.64 4.05 9.06
N ILE A 124 17.92 3.01 9.54
CA ILE A 124 18.52 1.77 10.01
C ILE A 124 17.62 0.59 9.67
N ALA A 125 18.25 -0.54 9.30
CA ALA A 125 17.46 -1.74 8.96
C ALA A 125 18.17 -2.97 9.48
N LEU A 126 17.40 -3.94 9.97
CA LEU A 126 17.96 -5.22 10.35
C LEU A 126 18.34 -5.97 9.06
N LYS A 127 19.55 -6.57 9.05
CA LYS A 127 20.03 -7.33 7.90
C LYS A 127 19.29 -8.66 7.86
N GLU A 128 19.34 -9.33 6.69
CA GLU A 128 18.64 -10.59 6.42
C GLU A 128 18.97 -11.71 7.44
N ASP A 129 20.21 -11.73 7.97
CA ASP A 129 20.60 -12.74 8.97
C ASP A 129 19.99 -12.50 10.35
N LEU A 130 19.33 -11.31 10.58
CA LEU A 130 18.66 -10.90 11.83
C LEU A 130 19.66 -10.76 12.97
N ARG A 131 20.94 -10.55 12.62
CA ARG A 131 22.02 -10.49 13.59
C ARG A 131 22.75 -9.18 13.63
N SER A 132 22.66 -8.40 12.54
CA SER A 132 23.39 -7.16 12.36
C SER A 132 22.48 -6.10 11.72
N TRP A 133 23.02 -4.89 11.63
CA TRP A 133 22.31 -3.70 11.19
C TRP A 133 22.97 -3.00 10.02
N THR A 134 22.15 -2.37 9.19
CA THR A 134 22.61 -1.51 8.11
C THR A 134 22.24 -0.10 8.54
N ALA A 135 23.25 0.71 8.85
CA ALA A 135 23.07 2.10 9.28
C ALA A 135 23.50 2.96 8.11
N ALA A 136 22.60 3.81 7.60
CA ALA A 136 22.87 4.60 6.39
C ALA A 136 23.88 5.71 6.57
N ASP A 137 23.91 6.33 7.73
CA ASP A 137 24.77 7.48 7.98
C ASP A 137 25.27 7.48 9.44
N MET A 138 26.03 8.52 9.83
CA MET A 138 26.64 8.52 11.17
C MET A 138 25.66 8.63 12.30
N ALA A 139 24.50 9.23 12.06
CA ALA A 139 23.44 9.30 13.09
C ALA A 139 22.92 7.89 13.33
N ALA A 140 22.61 7.15 12.24
CA ALA A 140 22.13 5.79 12.34
C ALA A 140 23.20 4.89 12.94
N GLN A 141 24.50 5.21 12.72
CA GLN A 141 25.61 4.45 13.27
CA GLN A 141 25.60 4.43 13.29
C GLN A 141 25.60 4.55 14.81
N THR A 142 25.27 5.74 15.35
CA THR A 142 25.18 5.86 16.82
C THR A 142 24.02 4.99 17.35
N THR A 143 22.88 4.96 16.61
CA THR A 143 21.77 4.05 16.98
C THR A 143 22.23 2.59 16.96
N LYS A 144 22.98 2.20 15.92
CA LYS A 144 23.48 0.82 15.75
C LYS A 144 24.33 0.44 16.98
N HIS A 145 25.27 1.34 17.40
CA HIS A 145 26.08 1.03 18.59
C HIS A 145 25.20 0.83 19.84
N LYS A 146 24.17 1.70 20.02
CA LYS A 146 23.24 1.62 21.17
C LYS A 146 22.52 0.25 21.13
N TRP A 147 22.01 -0.12 19.94
CA TRP A 147 21.29 -1.37 19.77
C TRP A 147 22.16 -2.63 19.87
N GLU A 148 23.42 -2.55 19.48
CA GLU A 148 24.36 -3.68 19.62
C GLU A 148 24.62 -3.91 21.13
N ALA A 149 24.93 -2.83 21.86
CA ALA A 149 25.18 -2.87 23.30
C ALA A 149 24.00 -3.47 24.10
N ALA A 150 22.76 -3.17 23.65
CA ALA A 150 21.52 -3.65 24.32
C ALA A 150 20.96 -4.97 23.72
N HIS A 151 21.70 -5.58 22.76
CA HIS A 151 21.35 -6.85 22.11
C HIS A 151 19.93 -6.85 21.54
N VAL A 152 19.57 -5.73 20.89
CA VAL A 152 18.24 -5.53 20.29
C VAL A 152 17.95 -6.59 19.22
N ALA A 153 18.96 -6.90 18.37
CA ALA A 153 18.82 -7.85 17.28
C ALA A 153 18.37 -9.22 17.76
N GLU A 154 18.92 -9.69 18.91
CA GLU A 154 18.55 -10.99 19.49
C GLU A 154 17.06 -11.05 19.86
N GLN A 155 16.51 -9.98 20.43
CA GLN A 155 15.09 -9.86 20.83
C GLN A 155 14.21 -9.87 19.57
N LEU A 156 14.61 -9.08 18.54
CA LEU A 156 13.87 -9.02 17.28
C LEU A 156 13.87 -10.36 16.57
N ARG A 157 15.03 -11.04 16.52
CA ARG A 157 15.18 -12.36 15.89
C ARG A 157 14.19 -13.37 16.51
N ALA A 158 14.10 -13.40 17.85
CA ALA A 158 13.19 -14.30 18.55
C ALA A 158 11.74 -14.09 18.15
N TYR A 159 11.31 -12.81 18.04
CA TYR A 159 9.95 -12.49 17.63
C TYR A 159 9.76 -12.85 16.14
N LEU A 160 10.68 -12.40 15.29
CA LEU A 160 10.56 -12.62 13.84
C LEU A 160 10.51 -14.08 13.42
N GLU A 161 11.35 -14.94 14.03
CA GLU A 161 11.42 -16.36 13.70
C GLU A 161 10.41 -17.19 14.47
N GLY A 162 9.97 -16.68 15.61
CA GLY A 162 9.05 -17.39 16.50
C GLY A 162 7.64 -16.87 16.48
N THR A 163 7.35 -15.93 17.38
CA THR A 163 6.06 -15.27 17.63
C THR A 163 5.38 -14.82 16.34
N CYS A 164 6.13 -14.09 15.49
CA CYS A 164 5.59 -13.59 14.24
C CYS A 164 5.02 -14.76 13.39
N VAL A 165 5.82 -15.81 13.20
CA VAL A 165 5.47 -16.99 12.38
C VAL A 165 4.30 -17.75 13.01
N GLU A 166 4.36 -17.90 14.34
CA GLU A 166 3.32 -18.58 15.09
C GLU A 166 1.97 -17.89 14.97
N TRP A 167 1.93 -16.54 15.13
CA TRP A 167 0.68 -15.79 15.02
C TRP A 167 0.20 -15.66 13.56
N LEU A 168 1.13 -15.57 12.59
CA LEU A 168 0.78 -15.59 11.17
C LEU A 168 0.01 -16.89 10.85
N ARG A 169 0.56 -18.04 11.30
CA ARG A 169 -0.08 -19.37 11.16
C ARG A 169 -1.49 -19.34 11.79
N ARG A 170 -1.64 -18.76 13.00
CA ARG A 170 -2.94 -18.64 13.66
C ARG A 170 -3.98 -17.87 12.83
N TYR A 171 -3.58 -16.68 12.31
CA TYR A 171 -4.50 -15.88 11.52
C TYR A 171 -4.87 -16.61 10.22
N LEU A 172 -3.90 -17.24 9.55
CA LEU A 172 -4.13 -18.00 8.27
C LEU A 172 -5.17 -19.10 8.49
N GLU A 173 -5.07 -19.79 9.63
CA GLU A 173 -6.03 -20.84 9.98
C GLU A 173 -7.38 -20.24 10.33
N ASN A 174 -7.39 -19.23 11.21
CA ASN A 174 -8.63 -18.58 11.60
C ASN A 174 -9.39 -17.85 10.49
N GLY A 175 -8.67 -17.26 9.53
CA GLY A 175 -9.31 -16.55 8.44
C GLY A 175 -9.26 -17.31 7.14
N LYS A 176 -9.15 -18.67 7.24
CA LYS A 176 -8.98 -19.59 6.12
C LYS A 176 -9.93 -19.32 4.95
N GLU A 177 -11.21 -18.98 5.25
CA GLU A 177 -12.22 -18.75 4.22
C GLU A 177 -11.84 -17.67 3.20
N THR A 178 -11.12 -16.61 3.64
CA THR A 178 -10.65 -15.55 2.73
C THR A 178 -9.14 -15.57 2.59
N LEU A 179 -8.40 -15.69 3.70
CA LEU A 179 -6.94 -15.64 3.66
C LEU A 179 -6.29 -16.74 2.85
N GLN A 180 -6.89 -17.94 2.86
CA GLN A 180 -6.33 -19.06 2.10
C GLN A 180 -7.00 -19.25 0.73
N ARG A 181 -7.91 -18.36 0.37
CA ARG A 181 -8.60 -18.38 -0.91
C ARG A 181 -7.86 -17.48 -1.88
N THR A 182 -7.57 -17.97 -3.08
CA THR A 182 -6.95 -17.14 -4.13
C THR A 182 -8.09 -16.77 -5.09
N ASP A 183 -8.11 -15.52 -5.53
CA ASP A 183 -9.12 -15.05 -6.45
C ASP A 183 -8.42 -14.76 -7.77
N ALA A 184 -8.64 -15.62 -8.75
CA ALA A 184 -8.03 -15.47 -10.07
C ALA A 184 -8.52 -14.21 -10.76
N PRO A 185 -7.64 -13.56 -11.53
CA PRO A 185 -8.07 -12.37 -12.24
C PRO A 185 -9.13 -12.66 -13.28
N LYS A 186 -10.14 -11.76 -13.34
CA LYS A 186 -11.18 -11.81 -14.35
CA LYS A 186 -11.20 -11.78 -14.33
C LYS A 186 -10.63 -10.92 -15.45
N THR A 187 -10.39 -11.52 -16.63
CA THR A 187 -9.74 -10.80 -17.72
C THR A 187 -10.61 -10.54 -18.91
N HIS A 188 -10.35 -9.42 -19.60
CA HIS A 188 -11.01 -9.06 -20.85
C HIS A 188 -10.12 -8.09 -21.59
N MET A 189 -10.41 -7.89 -22.88
CA MET A 189 -9.63 -6.97 -23.69
CA MET A 189 -9.64 -7.01 -23.75
C MET A 189 -10.53 -5.91 -24.27
N THR A 190 -10.04 -4.67 -24.33
CA THR A 190 -10.80 -3.57 -24.94
C THR A 190 -9.95 -3.08 -26.11
N HIS A 191 -10.60 -2.37 -27.03
CA HIS A 191 -9.98 -1.83 -28.22
C HIS A 191 -10.41 -0.37 -28.41
N HIS A 192 -9.44 0.52 -28.68
CA HIS A 192 -9.68 1.96 -28.85
C HIS A 192 -8.96 2.48 -30.10
N ALA A 193 -9.71 3.09 -31.06
CA ALA A 193 -9.10 3.59 -32.29
C ALA A 193 -8.64 5.03 -32.12
N VAL A 194 -7.34 5.31 -32.37
CA VAL A 194 -6.79 6.65 -32.22
C VAL A 194 -6.95 7.49 -33.52
N SER A 195 -6.77 6.81 -34.63
CA SER A 195 -6.81 7.36 -35.98
C SER A 195 -7.22 6.19 -36.87
N ASP A 196 -7.19 6.34 -38.19
CA ASP A 196 -7.53 5.23 -39.08
CA ASP A 196 -7.53 5.24 -39.09
C ASP A 196 -6.34 4.26 -39.24
N HIS A 197 -5.17 4.61 -38.68
CA HIS A 197 -3.98 3.75 -38.81
C HIS A 197 -3.42 3.19 -37.46
N GLU A 198 -3.91 3.68 -36.31
CA GLU A 198 -3.39 3.27 -35.02
C GLU A 198 -4.55 2.89 -34.12
N ALA A 199 -4.37 1.80 -33.32
CA ALA A 199 -5.34 1.40 -32.33
C ALA A 199 -4.64 0.99 -31.03
N THR A 200 -5.35 1.09 -29.90
CA THR A 200 -4.81 0.67 -28.60
C THR A 200 -5.58 -0.56 -28.15
N LEU A 201 -4.85 -1.63 -27.73
CA LEU A 201 -5.46 -2.82 -27.14
C LEU A 201 -5.17 -2.75 -25.66
N ARG A 202 -6.20 -2.91 -24.81
CA ARG A 202 -5.94 -2.83 -23.38
C ARG A 202 -6.40 -4.12 -22.75
N CYS A 203 -5.48 -4.79 -22.07
CA CYS A 203 -5.74 -6.08 -21.41
C CYS A 203 -5.99 -5.78 -19.95
N TRP A 204 -7.17 -6.21 -19.45
CA TRP A 204 -7.60 -5.94 -18.08
C TRP A 204 -7.56 -7.18 -17.21
N ALA A 205 -7.15 -6.99 -15.96
CA ALA A 205 -7.19 -8.02 -14.93
C ALA A 205 -7.92 -7.38 -13.76
N LEU A 206 -9.05 -7.96 -13.38
CA LEU A 206 -9.85 -7.40 -12.31
C LEU A 206 -10.18 -8.42 -11.25
N SER A 207 -10.53 -7.93 -10.04
CA SER A 207 -11.05 -8.79 -8.95
CA SER A 207 -11.05 -8.77 -8.95
C SER A 207 -10.12 -9.90 -8.49
N PHE A 208 -8.79 -9.65 -8.52
CA PHE A 208 -7.87 -10.68 -8.11
C PHE A 208 -7.29 -10.46 -6.70
N TYR A 209 -6.81 -11.57 -6.13
CA TYR A 209 -6.21 -11.58 -4.81
C TYR A 209 -5.31 -12.84 -4.72
N PRO A 210 -4.06 -12.75 -4.25
CA PRO A 210 -3.36 -11.54 -3.76
C PRO A 210 -3.02 -10.55 -4.88
N ALA A 211 -2.38 -9.43 -4.51
CA ALA A 211 -2.09 -8.33 -5.45
C ALA A 211 -1.04 -8.66 -6.50
N GLU A 212 -0.10 -9.59 -6.20
CA GLU A 212 0.96 -9.94 -7.14
CA GLU A 212 0.97 -10.00 -7.11
C GLU A 212 0.39 -10.54 -8.42
N ILE A 213 0.82 -9.98 -9.56
CA ILE A 213 0.38 -10.42 -10.88
C ILE A 213 1.38 -9.94 -11.93
N THR A 214 1.43 -10.66 -13.07
CA THR A 214 2.25 -10.23 -14.19
CA THR A 214 2.22 -10.17 -14.19
C THR A 214 1.36 -10.19 -15.45
N LEU A 215 1.38 -9.08 -16.17
CA LEU A 215 0.68 -8.91 -17.44
C LEU A 215 1.73 -8.56 -18.46
N THR A 216 1.80 -9.32 -19.55
CA THR A 216 2.79 -9.07 -20.61
C THR A 216 2.14 -9.18 -21.95
N TRP A 217 2.70 -8.49 -22.93
CA TRP A 217 2.20 -8.53 -24.29
C TRP A 217 3.21 -9.24 -25.16
N GLN A 218 2.70 -9.98 -26.17
CA GLN A 218 3.55 -10.62 -27.18
C GLN A 218 3.05 -10.21 -28.56
N ARG A 219 3.96 -10.18 -29.56
CA ARG A 219 3.57 -9.91 -30.94
C ARG A 219 4.15 -11.10 -31.71
N ASP A 220 3.29 -11.85 -32.40
CA ASP A 220 3.67 -13.07 -33.12
C ASP A 220 4.46 -14.04 -32.20
N GLY A 221 4.02 -14.15 -30.95
CA GLY A 221 4.66 -15.04 -29.98
C GLY A 221 5.98 -14.59 -29.41
N GLU A 222 6.40 -13.34 -29.63
CA GLU A 222 7.64 -12.80 -29.07
C GLU A 222 7.32 -11.63 -28.12
N ASP A 223 8.03 -11.51 -26.99
CA ASP A 223 7.77 -10.44 -26.01
C ASP A 223 7.83 -9.06 -26.65
N GLN A 224 6.88 -8.19 -26.27
CA GLN A 224 6.72 -6.82 -26.77
C GLN A 224 6.60 -5.89 -25.55
N THR A 225 7.59 -5.01 -25.37
CA THR A 225 7.63 -3.99 -24.29
C THR A 225 7.52 -2.59 -24.90
N GLN A 226 8.07 -2.38 -26.11
CA GLN A 226 7.92 -1.09 -26.82
C GLN A 226 6.45 -0.81 -27.13
N ASP A 227 6.07 0.47 -27.01
CA ASP A 227 4.69 0.93 -27.27
C ASP A 227 3.68 0.29 -26.31
N THR A 228 4.12 -0.06 -25.11
CA THR A 228 3.24 -0.65 -24.08
C THR A 228 3.20 0.26 -22.89
N GLU A 229 2.07 0.23 -22.18
CA GLU A 229 1.89 0.99 -20.96
C GLU A 229 1.24 0.06 -19.95
N LEU A 230 1.82 -0.03 -18.76
CA LEU A 230 1.32 -0.86 -17.64
C LEU A 230 1.05 0.05 -16.45
N VAL A 231 -0.20 0.06 -15.92
CA VAL A 231 -0.49 0.87 -14.74
C VAL A 231 -0.11 0.11 -13.50
N GLU A 232 0.19 0.84 -12.42
CA GLU A 232 0.49 0.23 -11.12
C GLU A 232 -0.78 -0.54 -10.66
N THR A 233 -0.59 -1.73 -10.06
CA THR A 233 -1.69 -2.52 -9.48
C THR A 233 -2.40 -1.64 -8.45
N ARG A 234 -3.73 -1.65 -8.50
CA ARG A 234 -4.49 -0.73 -7.66
C ARG A 234 -5.57 -1.47 -6.91
N PRO A 235 -5.95 -0.97 -5.73
CA PRO A 235 -7.02 -1.65 -4.99
C PRO A 235 -8.40 -1.36 -5.57
N ALA A 236 -9.26 -2.38 -5.63
CA ALA A 236 -10.63 -2.15 -6.09
C ALA A 236 -11.47 -1.48 -5.01
N GLY A 237 -11.09 -1.71 -3.74
CA GLY A 237 -11.80 -1.18 -2.56
C GLY A 237 -12.65 -2.22 -1.84
N ASP A 238 -12.83 -3.41 -2.47
CA ASP A 238 -13.58 -4.51 -1.87
C ASP A 238 -12.60 -5.65 -1.40
N GLY A 239 -11.32 -5.32 -1.32
CA GLY A 239 -10.32 -6.29 -0.89
C GLY A 239 -9.53 -6.91 -2.03
N THR A 240 -10.02 -6.73 -3.27
CA THR A 240 -9.33 -7.28 -4.46
C THR A 240 -8.54 -6.19 -5.17
N PHE A 241 -7.84 -6.59 -6.24
CA PHE A 241 -6.96 -5.70 -6.97
C PHE A 241 -7.24 -5.71 -8.46
N GLN A 242 -6.79 -4.64 -9.13
CA GLN A 242 -6.97 -4.46 -10.57
C GLN A 242 -5.65 -4.04 -11.21
N LYS A 243 -5.50 -4.34 -12.49
CA LYS A 243 -4.36 -3.86 -13.27
C LYS A 243 -4.72 -3.93 -14.74
N TRP A 244 -4.09 -3.10 -15.56
CA TRP A 244 -4.23 -3.23 -17.01
C TRP A 244 -2.88 -2.98 -17.66
N VAL A 245 -2.72 -3.52 -18.86
CA VAL A 245 -1.57 -3.35 -19.72
C VAL A 245 -2.09 -3.06 -21.12
N ALA A 246 -1.55 -2.02 -21.79
CA ALA A 246 -2.00 -1.65 -23.13
C ALA A 246 -0.84 -1.69 -24.09
N VAL A 247 -1.16 -1.89 -25.34
CA VAL A 247 -0.19 -1.86 -26.45
C VAL A 247 -0.78 -1.06 -27.59
N VAL A 248 0.06 -0.26 -28.28
CA VAL A 248 -0.37 0.47 -29.47
C VAL A 248 0.01 -0.36 -30.68
N VAL A 249 -0.97 -0.59 -31.57
CA VAL A 249 -0.78 -1.45 -32.74
C VAL A 249 -1.24 -0.78 -34.04
N PRO A 250 -0.69 -1.20 -35.20
CA PRO A 250 -1.24 -0.72 -36.46
C PRO A 250 -2.66 -1.27 -36.65
N SER A 251 -3.63 -0.40 -37.02
CA SER A 251 -5.02 -0.82 -37.24
C SER A 251 -5.02 -1.95 -38.27
N GLY A 252 -5.74 -3.01 -37.95
CA GLY A 252 -5.87 -4.19 -38.79
C GLY A 252 -4.92 -5.32 -38.40
N GLN A 253 -3.94 -5.06 -37.53
CA GLN A 253 -2.93 -6.07 -37.15
C GLN A 253 -3.16 -6.57 -35.72
N GLU A 254 -4.34 -6.29 -35.16
CA GLU A 254 -4.68 -6.68 -33.78
C GLU A 254 -4.46 -8.17 -33.49
N GLN A 255 -4.68 -9.03 -34.50
CA GLN A 255 -4.58 -10.49 -34.33
C GLN A 255 -3.19 -11.01 -33.99
N ARG A 256 -2.12 -10.25 -34.25
CA ARG A 256 -0.75 -10.68 -33.94
C ARG A 256 -0.46 -10.57 -32.46
N TYR A 257 -1.27 -9.81 -31.73
CA TYR A 257 -0.96 -9.45 -30.35
C TYR A 257 -1.70 -10.28 -29.35
N THR A 258 -0.97 -10.77 -28.33
CA THR A 258 -1.62 -11.55 -27.27
C THR A 258 -1.18 -11.03 -25.94
N CYS A 259 -2.12 -11.04 -24.97
CA CYS A 259 -1.84 -10.61 -23.61
C CYS A 259 -1.69 -11.92 -22.77
N HIS A 260 -0.71 -11.93 -21.87
CA HIS A 260 -0.38 -13.10 -21.03
C HIS A 260 -0.45 -12.75 -19.55
N VAL A 261 -1.27 -13.52 -18.80
CA VAL A 261 -1.55 -13.21 -17.41
C VAL A 261 -1.05 -14.35 -16.53
N GLN A 262 -0.20 -14.01 -15.56
CA GLN A 262 0.34 -14.93 -14.54
C GLN A 262 -0.17 -14.48 -13.14
N HIS A 263 -0.74 -15.41 -12.39
CA HIS A 263 -1.25 -15.14 -11.05
C HIS A 263 -1.35 -16.45 -10.28
N GLU A 264 -1.20 -16.38 -8.94
CA GLU A 264 -1.28 -17.57 -8.06
C GLU A 264 -2.60 -18.34 -8.21
N GLY A 265 -3.69 -17.63 -8.52
CA GLY A 265 -5.01 -18.22 -8.67
C GLY A 265 -5.24 -18.87 -10.03
N LEU A 266 -4.22 -18.84 -10.94
CA LEU A 266 -4.33 -19.47 -12.26
C LEU A 266 -3.39 -20.67 -12.34
N PRO A 267 -3.87 -21.94 -12.38
CA PRO A 267 -2.94 -23.09 -12.51
C PRO A 267 -1.93 -22.94 -13.66
N LYS A 268 -2.40 -22.51 -14.84
CA LYS A 268 -1.56 -22.22 -16.00
C LYS A 268 -1.78 -20.74 -16.40
N PRO A 269 -0.75 -20.00 -16.89
CA PRO A 269 -0.99 -18.60 -17.31
C PRO A 269 -2.05 -18.51 -18.42
N LEU A 270 -2.87 -17.42 -18.42
CA LEU A 270 -3.95 -17.21 -19.39
C LEU A 270 -3.40 -16.43 -20.56
N THR A 271 -3.95 -16.69 -21.74
CA THR A 271 -3.66 -15.96 -22.97
C THR A 271 -4.97 -15.32 -23.45
N LEU A 272 -4.91 -14.03 -23.87
CA LEU A 272 -6.09 -13.33 -24.39
C LEU A 272 -5.73 -12.74 -25.72
N ARG A 273 -6.70 -12.73 -26.62
CA ARG A 273 -6.54 -12.11 -27.93
C ARG A 273 -7.77 -11.26 -28.25
N TRP A 274 -7.60 -10.33 -29.19
CA TRP A 274 -8.70 -9.47 -29.61
C TRP A 274 -9.50 -10.24 -30.65
N GLN B 2 11.28 15.24 -1.68
CA GLN B 2 9.82 15.33 -1.77
C GLN B 2 9.36 14.68 -3.07
N ARG B 3 8.45 13.70 -2.96
CA ARG B 3 7.97 12.90 -4.07
C ARG B 3 6.54 13.25 -4.39
N THR B 4 6.28 13.51 -5.67
CA THR B 4 4.96 13.92 -6.16
CA THR B 4 4.94 13.93 -6.08
C THR B 4 4.00 12.72 -6.20
N PRO B 5 2.71 12.87 -5.89
CA PRO B 5 1.83 11.68 -5.99
C PRO B 5 1.50 11.25 -7.42
N LYS B 6 1.42 9.92 -7.65
CA LYS B 6 0.88 9.32 -8.84
C LYS B 6 -0.63 9.22 -8.52
N ILE B 7 -1.48 9.37 -9.54
CA ILE B 7 -2.92 9.38 -9.38
C ILE B 7 -3.58 8.47 -10.41
N GLN B 8 -4.50 7.63 -9.96
CA GLN B 8 -5.38 6.85 -10.81
C GLN B 8 -6.80 7.08 -10.32
N VAL B 9 -7.72 7.37 -11.23
CA VAL B 9 -9.14 7.54 -10.93
C VAL B 9 -9.87 6.49 -11.72
N TYR B 10 -10.68 5.68 -11.03
CA TYR B 10 -11.31 4.53 -11.70
C TYR B 10 -12.48 4.03 -10.90
N SER B 11 -13.30 3.18 -11.51
CA SER B 11 -14.44 2.59 -10.86
C SER B 11 -14.05 1.22 -10.33
N ARG B 12 -14.70 0.82 -9.25
CA ARG B 12 -14.47 -0.49 -8.71
C ARG B 12 -14.94 -1.61 -9.69
N HIS B 13 -16.05 -1.38 -10.45
CA HIS B 13 -16.60 -2.38 -11.41
C HIS B 13 -16.64 -1.78 -12.83
N PRO B 14 -16.62 -2.56 -13.96
CA PRO B 14 -16.67 -1.92 -15.29
C PRO B 14 -17.91 -1.04 -15.39
N ALA B 15 -17.72 0.20 -15.85
CA ALA B 15 -18.78 1.18 -15.85
C ALA B 15 -19.85 1.01 -16.91
N GLU B 16 -21.10 1.25 -16.50
CA GLU B 16 -22.27 1.27 -17.37
C GLU B 16 -23.19 2.38 -16.90
N ASN B 17 -23.60 3.25 -17.83
CA ASN B 17 -24.49 4.38 -17.52
C ASN B 17 -25.78 3.94 -16.82
N GLY B 18 -26.06 4.56 -15.67
CA GLY B 18 -27.25 4.29 -14.87
C GLY B 18 -27.15 3.13 -13.92
N LYS B 19 -25.96 2.51 -13.83
CA LYS B 19 -25.72 1.35 -12.95
C LYS B 19 -24.77 1.74 -11.80
N SER B 20 -25.24 1.44 -10.57
CA SER B 20 -24.56 1.72 -9.32
CA SER B 20 -24.56 1.72 -9.32
C SER B 20 -23.13 1.20 -9.30
N ASN B 21 -22.17 2.03 -8.78
CA ASN B 21 -20.74 1.68 -8.77
C ASN B 21 -20.02 2.41 -7.59
N PHE B 22 -18.67 2.40 -7.61
CA PHE B 22 -17.85 3.06 -6.60
C PHE B 22 -16.75 3.74 -7.32
N LEU B 23 -16.54 5.01 -6.97
CA LEU B 23 -15.51 5.80 -7.62
C LEU B 23 -14.32 5.90 -6.69
N ASN B 24 -13.16 5.53 -7.22
CA ASN B 24 -11.89 5.50 -6.50
C ASN B 24 -10.91 6.49 -7.01
N CYS B 25 -10.12 7.05 -6.08
CA CYS B 25 -8.97 7.84 -6.44
C CYS B 25 -7.82 7.31 -5.61
N TYR B 26 -6.89 6.66 -6.31
CA TYR B 26 -5.74 6.04 -5.69
C TYR B 26 -4.54 6.95 -5.86
N VAL B 27 -3.99 7.39 -4.73
CA VAL B 27 -2.80 8.26 -4.71
C VAL B 27 -1.64 7.50 -4.12
N SER B 28 -0.50 7.50 -4.83
CA SER B 28 0.62 6.70 -4.34
C SER B 28 1.95 7.35 -4.69
N GLY B 29 3.03 6.82 -4.11
CA GLY B 29 4.40 7.27 -4.40
C GLY B 29 4.77 8.64 -3.91
N PHE B 30 4.05 9.15 -2.90
CA PHE B 30 4.31 10.51 -2.41
C PHE B 30 4.95 10.59 -1.06
N HIS B 31 5.63 11.70 -0.82
CA HIS B 31 6.27 11.99 0.44
C HIS B 31 6.45 13.51 0.49
N PRO B 32 6.09 14.23 1.59
CA PRO B 32 5.54 13.73 2.87
C PRO B 32 4.08 13.27 2.77
N SER B 33 3.51 12.76 3.89
CA SER B 33 2.17 12.16 3.91
C SER B 33 1.01 13.11 3.81
N ASP B 34 1.19 14.39 4.18
CA ASP B 34 0.08 15.36 4.12
CA ASP B 34 0.07 15.32 4.13
C ASP B 34 -0.36 15.55 2.68
N ILE B 35 -1.67 15.27 2.39
CA ILE B 35 -2.19 15.41 1.05
C ILE B 35 -3.69 15.77 1.10
N GLU B 36 -4.16 16.53 0.11
CA GLU B 36 -5.57 16.86 0.03
C GLU B 36 -6.11 16.15 -1.21
N VAL B 37 -7.14 15.32 -1.05
CA VAL B 37 -7.74 14.59 -2.16
C VAL B 37 -9.23 14.79 -2.11
N ASP B 38 -9.80 15.26 -3.24
CA ASP B 38 -11.22 15.40 -3.41
C ASP B 38 -11.68 14.63 -4.62
N LEU B 39 -12.89 14.08 -4.57
CA LEU B 39 -13.59 13.45 -5.68
C LEU B 39 -14.57 14.54 -6.15
N LEU B 40 -14.60 14.80 -7.46
CA LEU B 40 -15.45 15.85 -8.02
C LEU B 40 -16.54 15.28 -8.93
N LYS B 41 -17.76 15.85 -8.83
CA LYS B 41 -18.91 15.50 -9.69
C LYS B 41 -19.29 16.81 -10.37
N ASN B 42 -19.07 16.88 -11.69
CA ASN B 42 -19.30 18.06 -12.53
C ASN B 42 -18.59 19.31 -11.98
N GLY B 43 -17.34 19.09 -11.54
CA GLY B 43 -16.44 20.09 -10.99
C GLY B 43 -16.64 20.48 -9.54
N GLU B 44 -17.69 19.96 -8.90
CA GLU B 44 -18.05 20.24 -7.51
C GLU B 44 -17.59 19.11 -6.60
N ARG B 45 -16.97 19.45 -5.46
CA ARG B 45 -16.50 18.49 -4.46
C ARG B 45 -17.67 17.64 -3.93
N ILE B 46 -17.49 16.28 -3.91
CA ILE B 46 -18.45 15.31 -3.38
C ILE B 46 -18.16 15.26 -1.87
N GLU B 47 -19.22 15.32 -1.03
CA GLU B 47 -19.06 15.36 0.44
C GLU B 47 -18.83 14.01 1.14
N LYS B 48 -19.55 12.97 0.75
CA LYS B 48 -19.40 11.72 1.48
C LYS B 48 -18.21 10.91 0.94
N VAL B 49 -16.97 11.35 1.22
CA VAL B 49 -15.80 10.60 0.70
C VAL B 49 -15.01 10.00 1.84
N GLU B 50 -14.71 8.69 1.73
CA GLU B 50 -13.95 8.01 2.76
C GLU B 50 -12.55 7.71 2.23
N HIS B 51 -11.65 7.34 3.12
CA HIS B 51 -10.29 7.00 2.68
C HIS B 51 -9.66 5.93 3.54
N SER B 52 -8.70 5.17 2.95
CA SER B 52 -7.98 4.15 3.69
C SER B 52 -7.03 4.71 4.72
N ASP B 53 -6.55 3.85 5.61
CA ASP B 53 -5.55 4.23 6.59
C ASP B 53 -4.19 4.31 5.89
N LEU B 54 -3.48 5.36 6.20
CA LEU B 54 -2.15 5.62 5.64
C LEU B 54 -1.18 4.44 5.80
N SER B 55 -0.59 4.02 4.68
CA SER B 55 0.40 2.97 4.67
C SER B 55 1.45 3.38 3.64
N PHE B 56 2.48 2.58 3.48
CA PHE B 56 3.55 2.94 2.61
C PHE B 56 4.21 1.72 1.98
N SER B 57 4.94 1.96 0.90
CA SER B 57 5.61 0.89 0.14
CA SER B 57 5.60 0.87 0.17
C SER B 57 7.02 0.65 0.67
N LYS B 58 7.75 -0.37 0.12
CA LYS B 58 9.12 -0.68 0.53
C LYS B 58 10.07 0.53 0.43
N ASP B 59 9.85 1.39 -0.60
CA ASP B 59 10.64 2.58 -0.79
C ASP B 59 10.21 3.76 0.11
N TRP B 60 9.29 3.51 1.11
CA TRP B 60 8.82 4.49 2.08
C TRP B 60 7.77 5.48 1.57
N SER B 61 7.47 5.45 0.27
CA SER B 61 6.48 6.38 -0.25
C SER B 61 5.08 5.93 0.18
N PHE B 62 4.23 6.90 0.44
CA PHE B 62 2.88 6.67 0.96
C PHE B 62 1.88 6.34 -0.08
N TYR B 63 0.76 5.73 0.35
CA TYR B 63 -0.35 5.52 -0.57
C TYR B 63 -1.67 5.56 0.21
N LEU B 64 -2.71 6.02 -0.49
CA LEU B 64 -4.06 6.15 0.03
C LEU B 64 -5.09 5.88 -1.04
N LEU B 65 -6.22 5.30 -0.62
CA LEU B 65 -7.36 5.15 -1.50
C LEU B 65 -8.49 6.04 -0.98
N TYR B 66 -9.03 6.92 -1.83
CA TYR B 66 -10.22 7.75 -1.53
C TYR B 66 -11.36 7.19 -2.34
N TYR B 67 -12.55 7.09 -1.73
CA TYR B 67 -13.64 6.44 -2.48
C TYR B 67 -15.00 6.90 -2.03
N THR B 68 -15.98 6.75 -2.93
CA THR B 68 -17.39 7.07 -2.67
C THR B 68 -18.28 6.27 -3.63
N GLU B 69 -19.57 6.13 -3.30
CA GLU B 69 -20.50 5.47 -4.22
C GLU B 69 -20.82 6.47 -5.36
N PHE B 70 -21.06 5.99 -6.58
CA PHE B 70 -21.42 6.83 -7.73
C PHE B 70 -22.18 6.02 -8.76
N THR B 71 -22.96 6.70 -9.59
CA THR B 71 -23.70 6.09 -10.67
C THR B 71 -23.28 6.84 -11.91
N PRO B 72 -22.41 6.24 -12.75
CA PRO B 72 -21.94 6.98 -13.94
C PRO B 72 -23.09 7.22 -14.94
N THR B 73 -22.94 8.26 -15.76
CA THR B 73 -23.89 8.58 -16.82
C THR B 73 -23.07 9.00 -18.04
N GLU B 74 -23.74 9.16 -19.18
CA GLU B 74 -23.11 9.58 -20.42
C GLU B 74 -22.50 10.98 -20.29
N LYS B 75 -23.21 11.90 -19.61
CA LYS B 75 -22.83 13.32 -19.54
C LYS B 75 -22.17 13.82 -18.25
N ASP B 76 -22.46 13.23 -17.07
CA ASP B 76 -21.82 13.66 -15.82
C ASP B 76 -20.32 13.37 -15.85
N GLU B 77 -19.52 14.35 -15.44
CA GLU B 77 -18.07 14.24 -15.40
C GLU B 77 -17.66 13.91 -13.98
N TYR B 78 -16.68 13.00 -13.83
CA TYR B 78 -16.12 12.69 -12.52
C TYR B 78 -14.62 12.88 -12.61
N ALA B 79 -14.02 13.28 -11.49
CA ALA B 79 -12.59 13.55 -11.42
C ALA B 79 -12.09 13.45 -10.01
N CYS B 80 -10.79 13.38 -9.88
CA CYS B 80 -10.08 13.41 -8.63
C CYS B 80 -9.19 14.66 -8.66
N ARG B 81 -9.19 15.43 -7.56
CA ARG B 81 -8.42 16.68 -7.42
C ARG B 81 -7.46 16.50 -6.28
N VAL B 82 -6.17 16.65 -6.57
CA VAL B 82 -5.12 16.38 -5.61
C VAL B 82 -4.21 17.57 -5.41
N ASN B 83 -3.99 17.93 -4.14
CA ASN B 83 -3.00 18.95 -3.78
C ASN B 83 -1.97 18.35 -2.82
N HIS B 84 -0.73 18.76 -2.95
CA HIS B 84 0.38 18.24 -2.15
C HIS B 84 1.45 19.30 -2.21
N VAL B 85 2.37 19.31 -1.25
CA VAL B 85 3.44 20.33 -1.21
C VAL B 85 4.26 20.39 -2.53
N THR B 86 4.38 19.26 -3.26
CA THR B 86 5.14 19.16 -4.52
C THR B 86 4.45 19.79 -5.74
N LEU B 87 3.15 20.13 -5.60
CA LEU B 87 2.35 20.69 -6.68
C LEU B 87 2.13 22.20 -6.45
N SER B 88 2.26 23.03 -7.51
CA SER B 88 2.06 24.48 -7.37
C SER B 88 0.57 24.79 -7.48
N GLN B 89 -0.15 23.95 -8.25
CA GLN B 89 -1.59 24.04 -8.50
CA GLN B 89 -1.59 24.06 -8.46
C GLN B 89 -2.21 22.66 -8.23
N PRO B 90 -3.52 22.57 -7.83
CA PRO B 90 -4.11 21.22 -7.69
C PRO B 90 -4.14 20.50 -9.03
N LYS B 91 -3.87 19.20 -9.01
CA LYS B 91 -3.84 18.35 -10.20
C LYS B 91 -5.21 17.67 -10.29
N ILE B 92 -5.87 17.81 -11.46
CA ILE B 92 -7.17 17.23 -11.72
C ILE B 92 -7.04 16.09 -12.73
N VAL B 93 -7.47 14.88 -12.34
CA VAL B 93 -7.49 13.71 -13.22
C VAL B 93 -8.93 13.31 -13.44
N LYS B 94 -9.37 13.37 -14.71
CA LYS B 94 -10.73 13.06 -15.10
C LYS B 94 -10.93 11.56 -15.12
N TRP B 95 -12.09 11.09 -14.64
CA TRP B 95 -12.41 9.67 -14.72
C TRP B 95 -12.77 9.33 -16.17
N ASP B 96 -12.16 8.27 -16.70
CA ASP B 96 -12.38 7.78 -18.07
C ASP B 96 -12.64 6.28 -17.87
N ARG B 97 -13.84 5.80 -18.21
CA ARG B 97 -14.20 4.38 -17.99
C ARG B 97 -13.30 3.38 -18.73
N ASP B 98 -12.54 3.85 -19.73
CA ASP B 98 -11.64 3.01 -20.52
C ASP B 98 -10.27 2.82 -19.82
N MET B 99 -10.06 3.49 -18.65
CA MET B 99 -8.81 3.41 -17.90
CA MET B 99 -8.80 3.50 -17.90
C MET B 99 -8.98 3.07 -16.42
N LEU C 1 0.16 -10.31 15.69
CA LEU C 1 0.50 -9.87 17.04
C LEU C 1 1.77 -9.04 16.93
N GLN C 2 1.77 -7.83 17.56
CA GLN C 2 2.93 -6.93 17.50
C GLN C 2 4.09 -7.42 18.36
N LEU C 3 5.30 -6.88 18.10
CA LEU C 3 6.55 -7.09 18.83
C LEU C 3 6.31 -6.67 20.32
N PRO C 4 6.68 -7.49 21.33
CA PRO C 4 6.30 -7.15 22.72
C PRO C 4 7.00 -5.93 23.31
N GLN C 5 8.25 -5.69 22.90
CA GLN C 5 9.03 -4.59 23.45
C GLN C 5 9.54 -3.65 22.37
N GLY C 6 9.63 -2.39 22.71
CA GLY C 6 10.11 -1.41 21.77
C GLY C 6 11.48 -0.92 22.15
N THR C 7 12.15 -0.22 21.23
CA THR C 7 13.42 0.42 21.56
C THR C 7 13.47 1.74 20.84
N THR C 8 13.97 2.79 21.51
CA THR C 8 14.09 4.12 20.92
C THR C 8 15.40 4.16 20.14
N LEU C 9 15.48 5.04 19.12
CA LEU C 9 16.69 5.25 18.30
C LEU C 9 17.81 5.95 19.11
#